data_4AXC
#
_entry.id   4AXC
#
_cell.length_a   105.800
_cell.length_b   68.230
_cell.length_c   66.000
_cell.angle_alpha   90.00
_cell.angle_beta   90.00
_cell.angle_gamma   90.00
#
_symmetry.space_group_name_H-M   'P 21 21 2'
#
loop_
_entity.id
_entity.type
_entity.pdbx_description
1 polymer 'INOSITOL-PENTAKISPHOSPHATE 2-KINASE'
2 non-polymer 'ZINC ION'
3 non-polymer 'SULFATE ION'
4 non-polymer GLYCEROL
5 water water
#
_entity_poly.entity_id   1
_entity_poly.type   'polypeptide(L)'
_entity_poly.pdbx_seq_one_letter_code
;GEFELMEMILEEKDASDWIYRGEGGANLVLAYAGSSPLFVGKVIRIQKARRNDKAIKNSNGVVSVLTSDEQHLWRENNEL
ISSPNKEVLEQRYVQNVIIPLLGPKHVDAGVRVSVSKEFLECVDKKVTKQRPLARVNAANVDTSHDSALILNDHSLFSQG
ITSGGDCISVEIKPKCGFLPTSRFIGKENMLKTSVSRFKMHQLLKLEYIEISEESEYDPLDLFSGSKERVLEAIKALYST
PQNNFRVFLNGSLILGGSGESTGRTSPEIGYAFEDALKGFIQSEDGHRTECFLQLVSDAVYGSGVLDRLLEIQKLDKLDI
EGAIHCYYDIINQPCPICKEGRPLEAELSLHALPLDESLKIVKEYLIAATAKDCSIMISFQSRNAWDSEPSGDYVSLKPT
NQTFDYKVHFIDLSLKPLKRMESYYKLDKKIISFYNRKQKAENTAEQIGNSKPSHS
;
_entity_poly.pdbx_strand_id   A
#
loop_
_chem_comp.id
_chem_comp.type
_chem_comp.name
_chem_comp.formula
GOL non-polymer GLYCEROL 'C3 H8 O3'
SO4 non-polymer 'SULFATE ION' 'O4 S -2'
ZN non-polymer 'ZINC ION' 'Zn 2'
#
# COMPACT_ATOMS: atom_id res chain seq x y z
N MET A 8 -6.24 -8.16 29.31
CA MET A 8 -7.07 -7.73 28.14
C MET A 8 -7.76 -8.89 27.45
N ILE A 9 -9.08 -8.78 27.35
CA ILE A 9 -9.91 -9.69 26.57
C ILE A 9 -11.12 -8.89 26.11
N LEU A 10 -11.32 -8.81 24.81
CA LEU A 10 -12.50 -8.14 24.29
C LEU A 10 -13.65 -9.12 24.31
N GLU A 11 -14.84 -8.63 24.65
CA GLU A 11 -16.08 -9.40 24.51
C GLU A 11 -17.31 -8.55 24.19
N GLU A 12 -18.48 -9.19 24.24
CA GLU A 12 -19.71 -8.73 23.58
C GLU A 12 -20.15 -7.28 23.84
N LYS A 13 -19.91 -6.79 25.05
CA LYS A 13 -20.34 -5.43 25.41
C LYS A 13 -19.36 -4.40 24.89
N ASP A 14 -18.11 -4.85 24.69
CA ASP A 14 -17.07 -4.06 24.07
C ASP A 14 -17.29 -3.87 22.57
N ALA A 15 -18.05 -4.78 21.95
CA ALA A 15 -18.34 -4.72 20.51
C ALA A 15 -19.21 -3.53 20.13
N SER A 16 -19.97 -3.00 21.11
CA SER A 16 -20.74 -1.77 20.93
C SER A 16 -19.85 -0.51 20.85
N ASP A 17 -18.56 -0.67 21.22
CA ASP A 17 -17.52 0.38 21.10
C ASP A 17 -16.79 0.54 19.75
N TRP A 18 -17.11 -0.31 18.77
CA TRP A 18 -16.35 -0.27 17.51
C TRP A 18 -17.25 -0.10 16.32
N ILE A 19 -16.94 0.83 15.42
CA ILE A 19 -17.70 0.98 14.17
C ILE A 19 -16.93 0.54 12.93
N TYR A 20 -17.66 0.00 11.95
CA TYR A 20 -17.11 -0.41 10.66
C TYR A 20 -16.35 0.73 10.03
N ARG A 21 -15.15 0.43 9.57
CA ARG A 21 -14.35 1.43 8.88
C ARG A 21 -14.12 1.04 7.41
N GLY A 22 -13.64 -0.18 7.20
CA GLY A 22 -13.34 -0.65 5.85
C GLY A 22 -12.93 -2.09 5.85
N GLU A 23 -12.57 -2.61 4.67
CA GLU A 23 -12.01 -3.94 4.56
C GLU A 23 -11.27 -4.20 3.24
N GLY A 24 -10.36 -5.16 3.25
CA GLY A 24 -9.82 -5.77 2.05
C GLY A 24 -10.38 -7.18 1.89
N GLY A 25 -9.74 -7.99 1.07
CA GLY A 25 -10.18 -9.35 0.83
C GLY A 25 -10.07 -10.27 2.04
N ALA A 26 -9.02 -10.05 2.85
CA ALA A 26 -8.68 -10.90 4.02
C ALA A 26 -9.03 -10.35 5.42
N ASN A 27 -9.09 -9.02 5.58
CA ASN A 27 -9.30 -8.36 6.89
C ASN A 27 -10.38 -7.28 6.93
N LEU A 28 -11.11 -7.20 8.05
CA LEU A 28 -12.01 -6.09 8.42
C LEU A 28 -11.28 -5.08 9.34
N VAL A 29 -11.64 -3.80 9.24
CA VAL A 29 -11.08 -2.75 10.09
C VAL A 29 -12.28 -2.03 10.73
N LEU A 30 -12.26 -1.97 12.06
CA LEU A 30 -13.24 -1.19 12.79
C LEU A 30 -12.50 -0.11 13.57
N ALA A 31 -13.09 1.07 13.66
CA ALA A 31 -12.52 2.18 14.40
C ALA A 31 -13.14 2.26 15.81
N TYR A 32 -12.38 2.78 16.76
CA TYR A 32 -12.88 2.96 18.12
C TYR A 32 -13.90 4.09 18.21
N ALA A 33 -15.07 3.79 18.75
CA ALA A 33 -16.10 4.82 18.94
C ALA A 33 -16.26 5.17 20.41
N GLY A 34 -15.63 4.38 21.27
CA GLY A 34 -15.78 4.50 22.72
C GLY A 34 -15.03 5.63 23.36
N SER A 35 -14.69 5.44 24.63
CA SER A 35 -14.25 6.52 25.48
C SER A 35 -12.96 6.17 26.20
N SER A 36 -12.67 4.87 26.30
CA SER A 36 -11.53 4.35 27.04
C SER A 36 -10.20 4.96 26.59
N PRO A 37 -9.40 5.51 27.53
CA PRO A 37 -8.13 6.11 27.12
C PRO A 37 -7.16 5.11 26.48
N LEU A 38 -7.57 3.85 26.42
CA LEU A 38 -6.73 2.79 25.91
C LEU A 38 -6.81 2.67 24.39
N PHE A 39 -7.98 2.97 23.82
CA PHE A 39 -8.25 2.69 22.42
C PHE A 39 -8.60 3.94 21.64
N VAL A 40 -8.65 5.08 22.34
CA VAL A 40 -8.82 6.37 21.70
C VAL A 40 -7.78 6.48 20.58
N GLY A 41 -8.25 6.76 19.38
CA GLY A 41 -7.41 6.84 18.20
C GLY A 41 -6.80 5.51 17.79
N LYS A 42 -7.57 4.43 17.91
CA LYS A 42 -7.10 3.10 17.53
C LYS A 42 -8.12 2.45 16.61
N VAL A 43 -7.63 1.55 15.75
CA VAL A 43 -8.49 0.74 14.91
C VAL A 43 -8.20 -0.72 15.26
N ILE A 44 -9.12 -1.60 14.89
CA ILE A 44 -8.93 -3.01 15.18
C ILE A 44 -9.04 -3.77 13.85
N ARG A 45 -8.11 -4.70 13.65
CA ARG A 45 -8.04 -5.48 12.42
C ARG A 45 -8.42 -6.93 12.71
N ILE A 46 -9.52 -7.34 12.10
CA ILE A 46 -10.12 -8.64 12.33
C ILE A 46 -10.12 -9.53 11.07
N GLN A 47 -9.58 -10.75 11.24
CA GLN A 47 -9.50 -11.71 10.12
C GLN A 47 -10.85 -12.22 9.64
N LYS A 48 -11.06 -12.19 8.32
CA LYS A 48 -12.28 -12.77 7.75
C LYS A 48 -12.06 -14.25 7.50
N ALA A 49 -13.16 -15.00 7.49
CA ALA A 49 -13.13 -16.41 7.11
C ALA A 49 -12.72 -16.56 5.64
N ARG A 50 -12.02 -17.64 5.32
CA ARG A 50 -11.75 -17.96 3.91
C ARG A 50 -12.18 -19.39 3.58
N ARG A 51 -12.38 -19.65 2.28
CA ARG A 51 -12.62 -20.98 1.70
C ARG A 51 -13.36 -20.82 0.38
N LEU A 66 2.47 -21.40 6.04
CA LEU A 66 3.50 -21.38 4.99
C LEU A 66 3.67 -22.74 4.36
N THR A 67 3.87 -22.75 3.04
CA THR A 67 4.22 -23.98 2.34
C THR A 67 5.69 -24.30 2.67
N SER A 68 6.13 -25.52 2.35
CA SER A 68 7.50 -25.94 2.66
C SER A 68 8.53 -25.09 1.89
N ASP A 69 8.31 -24.95 0.59
CA ASP A 69 9.15 -24.06 -0.23
C ASP A 69 9.36 -22.71 0.46
N GLU A 70 8.25 -22.05 0.81
CA GLU A 70 8.30 -20.77 1.53
C GLU A 70 9.04 -20.87 2.87
N GLN A 71 8.76 -21.94 3.61
CA GLN A 71 9.46 -22.19 4.88
C GLN A 71 10.98 -22.31 4.67
N HIS A 72 11.34 -22.99 3.58
CA HIS A 72 12.72 -23.06 3.11
C HIS A 72 13.24 -21.73 2.66
N LEU A 73 12.41 -20.94 1.98
CA LEU A 73 12.80 -19.62 1.50
C LEU A 73 13.00 -18.63 2.65
N TRP A 74 12.18 -18.74 3.70
CA TRP A 74 12.25 -17.81 4.82
C TRP A 74 12.96 -18.35 6.03
N ARG A 75 13.45 -19.59 5.90
CA ARG A 75 14.20 -20.29 6.97
C ARG A 75 15.09 -19.41 7.85
N GLU A 76 15.70 -18.39 7.24
CA GLU A 76 16.54 -17.41 7.95
C GLU A 76 15.86 -16.82 9.20
N ASN A 77 14.62 -16.37 9.03
N ASN A 77 14.64 -16.31 9.05
CA ASN A 77 13.81 -15.85 10.13
CA ASN A 77 13.89 -15.84 10.24
C ASN A 77 12.87 -16.92 10.67
C ASN A 77 12.89 -16.87 10.72
N ASN A 78 13.28 -17.59 11.75
CA ASN A 78 12.54 -18.73 12.30
C ASN A 78 11.13 -18.41 12.82
N GLU A 79 11.02 -17.31 13.58
CA GLU A 79 9.74 -16.87 14.12
C GLU A 79 8.65 -16.79 13.04
N LEU A 80 9.04 -16.36 11.83
CA LEU A 80 8.10 -16.17 10.73
C LEU A 80 7.54 -17.52 10.26
N ILE A 81 8.44 -18.48 10.01
CA ILE A 81 8.06 -19.83 9.59
C ILE A 81 7.26 -20.58 10.66
N SER A 82 7.46 -20.22 11.92
CA SER A 82 6.80 -20.91 13.03
C SER A 82 5.49 -20.22 13.49
N SER A 83 5.00 -19.29 12.69
CA SER A 83 3.75 -18.58 12.97
C SER A 83 2.56 -19.49 12.71
N PRO A 84 1.61 -19.57 13.68
CA PRO A 84 0.48 -20.52 13.70
C PRO A 84 -0.72 -20.12 12.85
N ASN A 85 -0.78 -18.84 12.48
CA ASN A 85 -1.87 -18.32 11.65
C ASN A 85 -1.42 -17.09 10.85
N LYS A 86 -2.19 -16.74 9.82
CA LYS A 86 -1.84 -15.63 8.93
C LYS A 86 -1.70 -14.27 9.59
N GLU A 87 -2.51 -14.00 10.63
CA GLU A 87 -2.41 -12.76 11.41
C GLU A 87 -1.02 -12.58 11.99
N VAL A 88 -0.56 -13.61 12.69
CA VAL A 88 0.75 -13.59 13.34
C VAL A 88 1.85 -13.50 12.28
N LEU A 89 1.68 -14.26 11.20
CA LEU A 89 2.61 -14.28 10.07
C LEU A 89 2.84 -12.87 9.53
N GLU A 90 1.76 -12.14 9.22
CA GLU A 90 1.88 -10.79 8.67
C GLU A 90 2.54 -9.83 9.65
N GLN A 91 2.18 -9.95 10.93
CA GLN A 91 2.71 -9.04 11.93
C GLN A 91 4.22 -9.17 12.05
N ARG A 92 4.69 -10.42 12.09
CA ARG A 92 6.12 -10.71 12.24
C ARG A 92 6.92 -10.39 10.97
N TYR A 93 6.29 -10.57 9.81
CA TYR A 93 6.89 -10.12 8.55
C TYR A 93 7.11 -8.61 8.61
N VAL A 94 6.08 -7.87 8.98
CA VAL A 94 6.23 -6.43 9.13
C VAL A 94 7.29 -6.11 10.18
N GLN A 95 7.17 -6.75 11.34
CA GLN A 95 8.07 -6.51 12.48
C GLN A 95 9.52 -6.97 12.27
N ASN A 96 9.71 -8.16 11.69
CA ASN A 96 11.03 -8.80 11.63
C ASN A 96 11.74 -8.65 10.29
N VAL A 97 10.98 -8.58 9.20
CA VAL A 97 11.56 -8.41 7.87
C VAL A 97 11.45 -6.98 7.35
N ILE A 98 10.30 -6.34 7.53
CA ILE A 98 10.11 -4.99 6.99
C ILE A 98 10.71 -3.90 7.85
N ILE A 99 10.44 -3.92 9.15
CA ILE A 99 10.92 -2.86 10.06
C ILE A 99 12.47 -2.67 10.00
N PRO A 100 13.25 -3.77 10.00
CA PRO A 100 14.71 -3.57 9.88
C PRO A 100 15.12 -2.87 8.57
N LEU A 101 14.26 -2.94 7.56
CA LEU A 101 14.53 -2.35 6.24
C LEU A 101 14.03 -0.90 6.11
N LEU A 102 12.81 -0.63 6.55
CA LEU A 102 12.26 0.73 6.48
C LEU A 102 12.36 1.55 7.78
N GLY A 103 12.71 0.92 8.91
CA GLY A 103 12.82 1.64 10.20
C GLY A 103 11.48 1.88 10.89
N PRO A 104 11.45 1.70 12.24
CA PRO A 104 10.23 1.72 13.07
C PRO A 104 9.43 3.01 13.04
N LYS A 105 10.05 4.10 12.62
CA LYS A 105 9.47 5.44 12.69
C LYS A 105 8.19 5.58 11.85
N HIS A 106 8.13 4.83 10.76
CA HIS A 106 7.07 4.97 9.75
C HIS A 106 6.31 3.69 9.53
N VAL A 107 6.50 2.72 10.43
CA VAL A 107 5.81 1.46 10.35
C VAL A 107 5.24 1.08 11.72
N ASP A 108 3.92 0.94 11.80
CA ASP A 108 3.25 0.44 13.00
C ASP A 108 2.79 -0.98 12.73
N ALA A 109 3.39 -1.94 13.42
CA ALA A 109 3.10 -3.38 13.24
C ALA A 109 1.89 -3.82 14.03
N GLY A 110 1.49 -3.04 15.01
CA GLY A 110 0.29 -3.34 15.78
C GLY A 110 0.56 -4.17 17.03
N VAL A 111 -0.41 -4.13 17.95
CA VAL A 111 -0.33 -4.87 19.19
C VAL A 111 -1.46 -5.87 19.18
N ARG A 112 -1.09 -7.14 19.31
CA ARG A 112 -2.04 -8.24 19.37
C ARG A 112 -2.85 -8.17 20.65
N VAL A 113 -4.16 -8.33 20.51
CA VAL A 113 -5.02 -8.39 21.66
C VAL A 113 -5.86 -9.68 21.63
N SER A 114 -6.17 -10.21 22.82
CA SER A 114 -7.03 -11.38 22.94
C SER A 114 -8.49 -11.01 22.70
N VAL A 115 -9.19 -11.90 22.02
CA VAL A 115 -10.57 -11.64 21.68
C VAL A 115 -11.39 -12.90 21.92
N SER A 116 -12.64 -12.74 22.35
CA SER A 116 -13.49 -13.90 22.58
C SER A 116 -14.33 -14.21 21.35
N LYS A 117 -14.69 -15.47 21.20
CA LYS A 117 -15.56 -15.95 20.12
C LYS A 117 -16.86 -15.15 20.07
N GLU A 118 -17.38 -14.78 21.25
CA GLU A 118 -18.62 -14.03 21.37
C GLU A 118 -18.49 -12.56 20.96
N PHE A 119 -17.31 -11.98 21.16
CA PHE A 119 -17.00 -10.67 20.61
C PHE A 119 -17.08 -10.75 19.08
N LEU A 120 -16.43 -11.77 18.52
CA LEU A 120 -16.30 -11.93 17.07
C LEU A 120 -17.64 -12.21 16.42
N GLU A 121 -18.45 -13.03 17.08
CA GLU A 121 -19.80 -13.32 16.61
C GLU A 121 -20.64 -12.04 16.59
N CYS A 122 -20.38 -11.15 17.54
CA CYS A 122 -21.07 -9.86 17.60
C CYS A 122 -20.63 -8.92 16.50
N VAL A 123 -19.31 -8.83 16.31
CA VAL A 123 -18.74 -8.03 15.23
C VAL A 123 -19.31 -8.47 13.87
N ASP A 124 -19.48 -9.79 13.71
CA ASP A 124 -20.05 -10.36 12.50
C ASP A 124 -21.38 -9.74 12.15
N LYS A 125 -22.32 -9.79 13.09
CA LYS A 125 -23.66 -9.26 12.87
C LYS A 125 -23.61 -7.76 12.58
N LYS A 126 -22.75 -7.05 13.30
CA LYS A 126 -22.56 -5.63 13.07
C LYS A 126 -22.05 -5.34 11.65
N VAL A 127 -21.05 -6.09 11.19
CA VAL A 127 -20.49 -5.87 9.84
C VAL A 127 -21.56 -6.12 8.74
N THR A 128 -22.30 -7.22 8.81
CA THR A 128 -23.33 -7.49 7.80
C THR A 128 -24.42 -6.41 7.74
N LYS A 129 -24.69 -5.77 8.87
CA LYS A 129 -25.68 -4.67 8.91
C LYS A 129 -25.12 -3.33 8.42
N GLN A 130 -23.84 -3.10 8.65
CA GLN A 130 -23.24 -1.79 8.35
C GLN A 130 -22.38 -1.71 7.09
N ARG A 131 -22.04 -2.86 6.49
CA ARG A 131 -21.20 -2.86 5.30
C ARG A 131 -21.87 -2.08 4.16
N PRO A 132 -21.08 -1.27 3.43
CA PRO A 132 -21.55 -0.61 2.22
C PRO A 132 -21.97 -1.62 1.15
N LEU A 133 -22.70 -1.15 0.15
CA LEU A 133 -23.27 -2.02 -0.88
C LEU A 133 -22.23 -2.85 -1.62
N ALA A 134 -21.08 -2.24 -1.94
CA ALA A 134 -19.92 -2.94 -2.50
C ALA A 134 -19.60 -4.24 -1.77
N ARG A 135 -19.86 -4.26 -0.46
CA ARG A 135 -19.37 -5.32 0.40
C ARG A 135 -20.48 -6.19 1.03
N VAL A 136 -21.73 -6.01 0.60
CA VAL A 136 -22.86 -6.72 1.19
C VAL A 136 -22.74 -8.26 1.19
N ASN A 137 -22.08 -8.85 0.19
CA ASN A 137 -21.84 -10.32 0.15
C ASN A 137 -20.43 -10.77 0.55
N ALA A 138 -19.68 -9.88 1.19
CA ALA A 138 -18.33 -10.18 1.66
C ALA A 138 -18.29 -11.30 2.72
N ALA A 139 -17.12 -11.93 2.87
CA ALA A 139 -16.96 -13.03 3.84
C ALA A 139 -17.28 -12.62 5.30
N ASN A 140 -17.91 -13.53 6.03
CA ASN A 140 -18.09 -13.40 7.48
C ASN A 140 -16.77 -13.21 8.19
N VAL A 141 -16.82 -12.59 9.37
CA VAL A 141 -15.69 -12.56 10.29
C VAL A 141 -15.33 -13.99 10.64
N ASP A 142 -14.05 -14.28 10.82
CA ASP A 142 -13.66 -15.63 11.20
C ASP A 142 -13.77 -15.77 12.70
N THR A 143 -14.81 -16.48 13.14
CA THR A 143 -15.10 -16.60 14.56
C THR A 143 -14.34 -17.70 15.30
N SER A 144 -13.57 -18.52 14.58
CA SER A 144 -12.70 -19.51 15.25
C SER A 144 -11.51 -18.83 15.93
N HIS A 145 -11.04 -17.74 15.33
CA HIS A 145 -9.88 -16.99 15.82
C HIS A 145 -10.07 -16.49 17.24
N ASP A 146 -8.96 -16.29 17.96
CA ASP A 146 -9.02 -15.78 19.34
C ASP A 146 -8.23 -14.47 19.56
N SER A 147 -7.76 -13.88 18.47
CA SER A 147 -6.90 -12.70 18.52
C SER A 147 -7.27 -11.66 17.46
N ALA A 148 -7.02 -10.39 17.76
CA ALA A 148 -7.11 -9.35 16.75
C ALA A 148 -5.92 -8.42 16.90
N LEU A 149 -5.78 -7.48 15.98
CA LEU A 149 -4.65 -6.56 15.97
C LEU A 149 -5.16 -5.16 16.19
N ILE A 150 -4.57 -4.49 17.18
CA ILE A 150 -4.85 -3.10 17.48
C ILE A 150 -3.71 -2.22 16.97
N LEU A 151 -4.08 -1.22 16.19
CA LEU A 151 -3.17 -0.38 15.47
C LEU A 151 -3.61 1.05 15.66
N ASN A 152 -2.66 1.97 15.57
CA ASN A 152 -2.98 3.39 15.49
C ASN A 152 -3.84 3.75 14.28
N ASP A 153 -4.82 4.63 14.51
CA ASP A 153 -5.65 5.19 13.45
C ASP A 153 -4.90 6.32 12.75
N HIS A 154 -4.44 6.06 11.52
CA HIS A 154 -3.60 7.01 10.79
C HIS A 154 -4.40 8.16 10.24
N SER A 155 -5.71 8.06 10.37
CA SER A 155 -6.58 9.12 9.90
C SER A 155 -6.88 10.17 10.98
N LEU A 156 -6.33 10.01 12.17
CA LEU A 156 -6.77 10.81 13.32
C LEU A 156 -5.65 11.15 14.32
N CYS A 167 -7.80 16.47 11.40
CA CYS A 167 -6.87 15.67 10.60
C CYS A 167 -7.30 15.48 9.14
N ILE A 168 -6.46 15.95 8.20
CA ILE A 168 -6.55 15.59 6.79
C ILE A 168 -5.50 14.50 6.55
N SER A 169 -5.96 13.39 6.00
CA SER A 169 -5.14 12.21 5.75
C SER A 169 -5.04 11.99 4.23
N VAL A 170 -3.85 11.68 3.73
CA VAL A 170 -3.61 11.53 2.29
C VAL A 170 -2.93 10.20 2.03
N GLU A 171 -3.65 9.30 1.36
CA GLU A 171 -3.13 7.98 1.03
C GLU A 171 -2.70 7.93 -0.43
N ILE A 172 -1.46 7.52 -0.63
CA ILE A 172 -0.84 7.45 -1.95
C ILE A 172 -0.33 6.04 -2.18
N LYS A 173 -0.75 5.45 -3.27
CA LYS A 173 -0.19 4.18 -3.73
C LYS A 173 0.80 4.49 -4.86
N PRO A 174 2.11 4.59 -4.54
CA PRO A 174 3.10 5.13 -5.46
C PRO A 174 3.58 4.19 -6.58
N LYS A 175 3.50 2.88 -6.36
CA LYS A 175 4.01 1.87 -7.33
C LYS A 175 5.52 1.92 -7.47
N CYS A 176 6.06 1.34 -8.54
CA CYS A 176 7.50 1.20 -8.63
C CYS A 176 8.16 2.47 -9.20
N GLY A 177 9.14 3.01 -8.49
CA GLY A 177 9.75 4.31 -8.83
C GLY A 177 11.09 4.33 -9.56
N PHE A 178 11.52 3.18 -10.10
CA PHE A 178 12.72 3.15 -10.93
C PHE A 178 12.51 2.38 -12.21
N LEU A 179 13.43 2.61 -13.15
CA LEU A 179 13.48 1.97 -14.44
C LEU A 179 14.51 0.83 -14.39
N PRO A 180 14.11 -0.40 -14.77
CA PRO A 180 15.11 -1.45 -14.77
C PRO A 180 16.18 -1.25 -15.85
N THR A 181 17.33 -1.87 -15.64
CA THR A 181 18.50 -1.66 -16.46
C THR A 181 19.08 -3.05 -16.75
N SER A 182 18.37 -4.06 -16.27
CA SER A 182 18.79 -5.46 -16.24
C SER A 182 19.22 -6.03 -17.58
N ARG A 183 20.31 -6.80 -17.52
CA ARG A 183 20.90 -7.59 -18.61
C ARG A 183 19.93 -8.69 -19.05
N PHE A 184 19.11 -9.16 -18.12
CA PHE A 184 18.18 -10.24 -18.40
C PHE A 184 16.91 -9.78 -19.11
N ILE A 185 16.78 -8.47 -19.33
CA ILE A 185 15.71 -7.96 -20.16
C ILE A 185 16.16 -8.11 -21.61
N GLY A 186 15.48 -8.97 -22.37
CA GLY A 186 15.80 -9.23 -23.78
C GLY A 186 15.61 -8.03 -24.70
N LYS A 187 16.05 -8.18 -25.95
CA LYS A 187 16.03 -7.10 -26.96
C LYS A 187 14.62 -6.69 -27.45
N GLU A 188 13.67 -7.63 -27.42
CA GLU A 188 12.29 -7.33 -27.79
C GLU A 188 11.54 -6.52 -26.73
N ASN A 189 12.05 -6.55 -25.49
CA ASN A 189 11.41 -5.88 -24.35
C ASN A 189 12.13 -4.63 -23.90
N MET A 190 12.79 -3.93 -24.81
CA MET A 190 13.69 -2.84 -24.44
C MET A 190 12.98 -1.55 -23.95
N LEU A 191 11.72 -1.38 -24.29
CA LEU A 191 10.96 -0.23 -23.78
C LEU A 191 10.84 -0.24 -22.26
N LYS A 192 10.93 -1.41 -21.63
CA LYS A 192 10.96 -1.57 -20.17
C LYS A 192 12.08 -0.73 -19.56
N THR A 193 13.20 -0.65 -20.29
CA THR A 193 14.37 0.13 -19.90
C THR A 193 14.12 1.64 -20.01
N SER A 194 13.07 2.01 -20.76
CA SER A 194 12.77 3.38 -21.14
C SER A 194 11.47 3.91 -20.56
N VAL A 195 10.52 3.03 -20.33
CA VAL A 195 9.17 3.48 -19.97
C VAL A 195 8.75 2.77 -18.69
N SER A 196 8.32 3.55 -17.70
CA SER A 196 7.96 3.00 -16.41
C SER A 196 6.91 1.93 -16.59
N ARG A 197 6.97 0.94 -15.72
CA ARG A 197 6.00 -0.12 -15.64
C ARG A 197 4.58 0.48 -15.48
N PHE A 198 4.44 1.49 -14.62
CA PHE A 198 3.17 2.19 -14.44
C PHE A 198 2.56 2.72 -15.75
N LYS A 199 3.33 3.50 -16.50
CA LYS A 199 2.81 4.15 -17.74
C LYS A 199 2.37 3.08 -18.75
N MET A 200 3.18 2.04 -18.88
CA MET A 200 2.83 0.92 -19.75
C MET A 200 1.54 0.23 -19.32
N HIS A 201 1.38 0.01 -18.01
CA HIS A 201 0.20 -0.64 -17.44
C HIS A 201 -1.06 0.15 -17.72
N GLN A 202 -0.98 1.49 -17.66
CA GLN A 202 -2.12 2.36 -18.00
C GLN A 202 -2.77 2.05 -19.35
N LEU A 203 -1.93 1.71 -20.34
CA LEU A 203 -2.45 1.36 -21.65
C LEU A 203 -3.24 0.06 -21.65
N LEU A 204 -2.74 -0.94 -20.92
CA LEU A 204 -3.48 -2.20 -20.78
C LEU A 204 -4.77 -1.98 -19.99
N LYS A 205 -4.68 -1.22 -18.89
CA LYS A 205 -5.86 -0.87 -18.10
C LYS A 205 -6.94 -0.20 -18.96
N LEU A 206 -6.53 0.75 -19.80
CA LEU A 206 -7.45 1.46 -20.68
C LEU A 206 -8.02 0.53 -21.75
N GLU A 207 -7.23 -0.44 -22.18
CA GLU A 207 -7.71 -1.42 -23.14
C GLU A 207 -8.80 -2.30 -22.53
N TYR A 208 -8.55 -2.79 -21.31
CA TYR A 208 -9.54 -3.59 -20.58
C TYR A 208 -10.58 -2.75 -19.85
N ILE A 209 -10.67 -1.47 -20.19
CA ILE A 209 -11.73 -0.56 -19.71
C ILE A 209 -11.81 -0.48 -18.18
N GLU A 210 -10.64 -0.51 -17.54
CA GLU A 210 -10.50 -0.48 -16.09
C GLU A 210 -10.27 0.92 -15.55
N ILE A 211 -9.89 1.85 -16.43
CA ILE A 211 -9.71 3.26 -16.04
C ILE A 211 -10.47 4.16 -17.04
N SER A 212 -10.92 5.32 -16.56
CA SER A 212 -11.66 6.24 -17.42
C SER A 212 -10.77 6.91 -18.46
N GLU A 213 -9.50 7.09 -18.12
CA GLU A 213 -8.51 7.65 -19.04
C GLU A 213 -7.12 7.45 -18.47
N GLU A 214 -6.11 7.68 -19.30
CA GLU A 214 -4.73 7.63 -18.83
C GLU A 214 -4.40 8.68 -17.77
N SER A 215 -3.84 8.25 -16.64
CA SER A 215 -3.35 9.15 -15.61
C SER A 215 -2.08 9.87 -16.03
N GLU A 216 -1.94 11.14 -15.65
CA GLU A 216 -0.68 11.87 -15.88
C GLU A 216 0.38 11.60 -14.83
N TYR A 217 0.05 10.73 -13.85
CA TYR A 217 0.99 10.39 -12.80
C TYR A 217 2.16 9.56 -13.30
N ASP A 218 3.35 9.98 -12.94
CA ASP A 218 4.55 9.25 -13.27
C ASP A 218 5.34 8.99 -11.97
N PRO A 219 5.46 7.73 -11.55
CA PRO A 219 6.19 7.40 -10.32
C PRO A 219 7.64 7.89 -10.31
N LEU A 220 8.26 7.94 -11.49
CA LEU A 220 9.63 8.47 -11.63
C LEU A 220 9.73 9.89 -11.10
N ASP A 221 8.70 10.70 -11.34
CA ASP A 221 8.64 12.05 -10.81
C ASP A 221 8.57 12.04 -9.27
N LEU A 222 7.69 11.21 -8.73
CA LEU A 222 7.49 11.16 -7.29
C LEU A 222 8.75 10.71 -6.55
N PHE A 223 9.45 9.74 -7.12
CA PHE A 223 10.66 9.19 -6.51
C PHE A 223 11.95 9.91 -6.90
N SER A 224 11.84 11.00 -7.65
CA SER A 224 13.00 11.65 -8.24
C SER A 224 13.93 12.36 -7.26
N GLY A 225 13.44 12.70 -6.08
CA GLY A 225 14.25 13.48 -5.14
C GLY A 225 14.24 14.94 -5.57
N SER A 226 13.46 15.26 -6.60
CA SER A 226 13.29 16.63 -7.05
C SER A 226 11.97 17.22 -6.57
N LYS A 227 12.09 18.38 -5.94
CA LYS A 227 10.96 19.11 -5.34
C LYS A 227 9.90 19.43 -6.40
N GLU A 228 10.35 20.00 -7.52
CA GLU A 228 9.50 20.37 -8.65
C GLU A 228 8.78 19.13 -9.19
N ARG A 229 9.50 18.03 -9.29
CA ARG A 229 8.91 16.82 -9.87
C ARG A 229 7.92 16.12 -8.92
N VAL A 230 8.18 16.14 -7.62
CA VAL A 230 7.27 15.58 -6.64
C VAL A 230 5.94 16.34 -6.71
N LEU A 231 6.02 17.67 -6.72
CA LEU A 231 4.82 18.49 -6.80
C LEU A 231 4.03 18.19 -8.08
N GLU A 232 4.74 18.01 -9.20
CA GLU A 232 4.10 17.67 -10.45
C GLU A 232 3.34 16.34 -10.35
N ALA A 233 3.97 15.37 -9.67
CA ALA A 233 3.37 14.06 -9.39
C ALA A 233 2.11 14.17 -8.54
N ILE A 234 2.19 14.95 -7.45
CA ILE A 234 1.04 15.19 -6.56
C ILE A 234 -0.12 15.84 -7.31
N LYS A 235 0.19 16.83 -8.15
CA LYS A 235 -0.84 17.46 -8.96
C LYS A 235 -1.47 16.45 -9.92
N ALA A 236 -0.65 15.56 -10.48
CA ALA A 236 -1.16 14.58 -11.42
C ALA A 236 -2.05 13.58 -10.69
N LEU A 237 -1.63 13.19 -9.49
CA LEU A 237 -2.41 12.28 -8.64
C LEU A 237 -3.77 12.88 -8.27
N TYR A 238 -3.76 14.15 -7.86
CA TYR A 238 -4.99 14.92 -7.57
C TYR A 238 -5.94 14.94 -8.77
N SER A 239 -5.39 15.18 -9.96
CA SER A 239 -6.17 15.30 -11.18
C SER A 239 -6.78 13.97 -11.62
N THR A 240 -6.01 12.89 -11.56
CA THR A 240 -6.54 11.59 -11.98
C THR A 240 -6.21 10.51 -10.91
N PRO A 241 -7.01 10.46 -9.81
CA PRO A 241 -6.66 9.64 -8.63
C PRO A 241 -6.62 8.14 -8.88
N GLN A 242 -7.52 7.65 -9.73
CA GLN A 242 -7.71 6.22 -9.98
C GLN A 242 -7.71 5.51 -8.59
N ASN A 243 -6.82 4.54 -8.40
CA ASN A 243 -6.63 3.91 -7.07
C ASN A 243 -5.29 4.31 -6.41
N ASN A 244 -4.77 5.49 -6.77
CA ASN A 244 -3.48 5.90 -6.25
C ASN A 244 -3.53 7.12 -5.33
N PHE A 245 -4.68 7.75 -5.21
CA PHE A 245 -4.81 8.98 -4.45
C PHE A 245 -6.19 9.10 -3.78
N ARG A 246 -6.19 9.14 -2.45
CA ARG A 246 -7.38 9.33 -1.62
C ARG A 246 -7.07 10.38 -0.57
N VAL A 247 -8.05 11.21 -0.25
CA VAL A 247 -7.92 12.16 0.84
C VAL A 247 -9.07 11.98 1.85
N PHE A 248 -8.71 11.91 3.12
CA PHE A 248 -9.66 11.70 4.21
C PHE A 248 -9.75 12.94 5.09
N LEU A 249 -10.98 13.29 5.48
CA LEU A 249 -11.26 14.27 6.52
C LEU A 249 -11.76 13.49 7.73
N ASN A 250 -10.95 13.43 8.78
CA ASN A 250 -11.30 12.71 10.02
C ASN A 250 -11.70 11.27 9.76
N GLY A 251 -11.03 10.67 8.81
CA GLY A 251 -11.33 9.31 8.41
C GLY A 251 -12.45 9.16 7.40
N SER A 252 -13.08 10.28 7.00
CA SER A 252 -14.07 10.23 5.91
C SER A 252 -13.55 10.75 4.54
N LEU A 253 -13.75 9.92 3.53
CA LEU A 253 -13.25 10.15 2.17
C LEU A 253 -13.80 11.47 1.65
N ILE A 254 -12.90 12.35 1.20
CA ILE A 254 -13.28 13.64 0.61
C ILE A 254 -12.65 13.83 -0.77
N LEU A 255 -11.85 12.86 -1.19
CA LEU A 255 -11.35 12.80 -2.56
C LEU A 255 -10.94 11.38 -2.88
N GLY A 256 -11.15 10.97 -4.13
CA GLY A 256 -10.76 9.65 -4.58
C GLY A 256 -11.60 8.58 -3.91
N GLY A 257 -11.09 7.36 -3.86
CA GLY A 257 -11.83 6.31 -3.19
C GLY A 257 -12.20 5.22 -4.16
N SER A 258 -13.14 4.37 -3.76
CA SER A 258 -13.49 3.20 -4.56
C SER A 258 -13.87 3.58 -5.98
N GLY A 259 -12.97 3.19 -6.88
CA GLY A 259 -13.09 3.45 -8.30
C GLY A 259 -11.74 3.79 -8.88
N GLU A 260 -10.89 2.78 -9.06
CA GLU A 260 -9.80 2.94 -10.02
C GLU A 260 -10.48 3.35 -11.30
N SER A 261 -11.73 2.93 -11.44
CA SER A 261 -12.54 3.24 -12.58
C SER A 261 -13.10 4.66 -12.59
N THR A 262 -13.26 5.29 -11.43
CA THR A 262 -13.78 6.66 -11.40
C THR A 262 -12.80 7.66 -12.05
N GLY A 263 -13.37 8.54 -12.87
CA GLY A 263 -12.60 9.39 -13.79
C GLY A 263 -11.88 10.59 -13.21
N ARG A 264 -11.22 11.33 -14.12
CA ARG A 264 -10.57 12.61 -13.87
C ARG A 264 -11.40 13.48 -12.93
N THR A 265 -10.77 14.05 -11.90
CA THR A 265 -11.38 15.06 -11.02
C THR A 265 -12.13 16.16 -11.80
N SER A 266 -13.44 16.18 -11.65
CA SER A 266 -14.27 17.07 -12.44
C SER A 266 -14.44 18.45 -11.76
N PRO A 267 -15.01 19.43 -12.48
CA PRO A 267 -15.32 20.72 -11.86
C PRO A 267 -16.09 20.53 -10.54
N GLU A 268 -17.17 19.74 -10.60
CA GLU A 268 -18.01 19.42 -9.45
C GLU A 268 -17.21 18.88 -8.27
N ILE A 269 -16.46 17.81 -8.51
CA ILE A 269 -15.62 17.18 -7.49
C ILE A 269 -14.55 18.17 -6.98
N GLY A 270 -13.89 18.86 -7.91
CA GLY A 270 -12.90 19.89 -7.55
C GLY A 270 -13.47 20.93 -6.60
N TYR A 271 -14.66 21.45 -6.92
CA TYR A 271 -15.27 22.50 -6.14
C TYR A 271 -15.57 22.03 -4.71
N ALA A 272 -16.26 20.88 -4.61
CA ALA A 272 -16.59 20.31 -3.31
C ALA A 272 -15.33 20.06 -2.48
N PHE A 273 -14.29 19.51 -3.13
CA PHE A 273 -13.03 19.27 -2.44
C PHE A 273 -12.40 20.58 -1.93
N GLU A 274 -12.35 21.59 -2.78
CA GLU A 274 -11.94 22.92 -2.34
C GLU A 274 -12.67 23.37 -1.05
N ASP A 275 -14.00 23.19 -1.01
CA ASP A 275 -14.82 23.59 0.16
C ASP A 275 -14.56 22.71 1.38
N ALA A 276 -14.40 21.40 1.16
CA ALA A 276 -14.03 20.49 2.24
C ALA A 276 -12.73 20.91 2.94
N LEU A 277 -11.88 21.69 2.27
CA LEU A 277 -10.61 22.11 2.86
C LEU A 277 -10.74 23.37 3.71
N LYS A 278 -11.92 24.00 3.68
CA LYS A 278 -12.11 25.29 4.36
C LYS A 278 -11.92 25.13 5.86
N GLY A 279 -11.30 26.13 6.48
CA GLY A 279 -10.97 26.07 7.92
C GLY A 279 -9.62 25.40 8.16
N PHE A 280 -9.38 24.27 7.51
CA PHE A 280 -8.13 23.54 7.66
C PHE A 280 -6.95 24.25 6.97
N ILE A 281 -7.09 24.50 5.67
CA ILE A 281 -6.15 25.35 4.96
C ILE A 281 -6.76 26.75 4.95
N GLN A 282 -6.04 27.69 5.54
CA GLN A 282 -6.55 29.05 5.72
C GLN A 282 -6.20 29.99 4.55
N SER A 283 -6.80 29.72 3.39
CA SER A 283 -6.70 30.61 2.23
C SER A 283 -8.10 30.96 1.74
N GLU A 284 -8.19 32.01 0.93
CA GLU A 284 -9.43 32.41 0.26
C GLU A 284 -10.06 31.26 -0.53
N ASP A 285 -11.39 31.31 -0.65
CA ASP A 285 -12.16 30.36 -1.47
C ASP A 285 -11.58 30.25 -2.89
N GLY A 286 -11.14 29.04 -3.24
CA GLY A 286 -10.60 28.78 -4.59
C GLY A 286 -9.09 28.53 -4.59
N HIS A 287 -8.41 29.00 -3.56
CA HIS A 287 -6.95 28.93 -3.47
C HIS A 287 -6.44 27.86 -2.53
N ARG A 288 -7.34 27.19 -1.80
CA ARG A 288 -6.90 26.19 -0.82
C ARG A 288 -6.31 24.93 -1.46
N THR A 289 -6.91 24.48 -2.57
CA THR A 289 -6.46 23.27 -3.25
C THR A 289 -4.97 23.35 -3.60
N GLU A 290 -4.55 24.47 -4.19
CA GLU A 290 -3.15 24.63 -4.59
C GLU A 290 -2.19 24.61 -3.37
N CYS A 291 -2.61 25.23 -2.26
CA CYS A 291 -1.85 25.17 -1.00
C CYS A 291 -1.80 23.75 -0.43
N PHE A 292 -2.92 23.04 -0.47
CA PHE A 292 -2.97 21.63 -0.07
C PHE A 292 -1.98 20.78 -0.85
N LEU A 293 -2.00 20.90 -2.17
CA LEU A 293 -1.11 20.12 -3.02
C LEU A 293 0.38 20.38 -2.68
N GLN A 294 0.71 21.67 -2.47
CA GLN A 294 2.03 22.10 -2.01
C GLN A 294 2.41 21.43 -0.70
N LEU A 295 1.44 21.38 0.21
CA LEU A 295 1.62 20.86 1.55
C LEU A 295 1.97 19.39 1.53
N VAL A 296 1.18 18.63 0.78
CA VAL A 296 1.42 17.21 0.60
C VAL A 296 2.82 17.00 -0.03
N SER A 297 3.12 17.80 -1.04
CA SER A 297 4.41 17.73 -1.75
C SER A 297 5.61 17.97 -0.81
N ASP A 298 5.53 19.05 -0.03
CA ASP A 298 6.55 19.37 0.97
C ASP A 298 6.69 18.25 2.01
N ALA A 299 5.56 17.71 2.48
CA ALA A 299 5.61 16.64 3.49
C ALA A 299 6.35 15.42 2.97
N VAL A 300 5.98 14.95 1.80
CA VAL A 300 6.59 13.79 1.13
C VAL A 300 8.09 13.95 0.84
N TYR A 301 8.45 15.06 0.19
CA TYR A 301 9.85 15.35 -0.07
C TYR A 301 10.62 15.52 1.25
N GLY A 302 10.09 16.36 2.14
CA GLY A 302 10.74 16.61 3.43
C GLY A 302 11.00 15.36 4.25
N SER A 303 10.00 14.48 4.31
CA SER A 303 10.06 13.27 5.13
C SER A 303 11.20 12.35 4.74
N GLY A 304 11.55 12.32 3.45
CA GLY A 304 12.61 11.42 2.95
C GLY A 304 12.12 9.99 2.81
N VAL A 305 10.84 9.78 3.07
CA VAL A 305 10.23 8.46 3.13
C VAL A 305 10.30 7.68 1.79
N LEU A 306 10.28 8.41 0.68
CA LEU A 306 10.35 7.78 -0.65
C LEU A 306 11.70 7.12 -0.94
N ASP A 307 12.79 7.75 -0.47
CA ASP A 307 14.15 7.22 -0.70
C ASP A 307 14.36 5.83 -0.11
N ARG A 308 13.94 5.66 1.14
CA ARG A 308 14.08 4.38 1.84
C ARG A 308 13.18 3.33 1.20
N LEU A 309 11.99 3.78 0.77
CA LEU A 309 11.08 2.91 0.04
C LEU A 309 11.68 2.47 -1.31
N LEU A 310 12.26 3.41 -2.05
CA LEU A 310 12.88 3.13 -3.36
C LEU A 310 14.02 2.09 -3.24
N GLU A 311 14.83 2.21 -2.19
CA GLU A 311 15.88 1.22 -1.87
C GLU A 311 15.36 -0.22 -1.77
N ILE A 312 14.17 -0.38 -1.18
CA ILE A 312 13.63 -1.73 -1.00
C ILE A 312 13.00 -2.25 -2.28
N GLN A 313 12.35 -1.37 -3.03
CA GLN A 313 11.90 -1.72 -4.38
C GLN A 313 13.05 -2.23 -5.23
N LYS A 314 14.24 -1.70 -5.00
CA LYS A 314 15.44 -2.06 -5.75
C LYS A 314 16.05 -3.37 -5.28
N LEU A 315 15.48 -3.99 -4.24
CA LEU A 315 15.84 -5.37 -3.90
C LEU A 315 15.43 -6.33 -5.03
N ASP A 316 14.62 -5.85 -5.96
CA ASP A 316 14.41 -6.49 -7.26
C ASP A 316 15.66 -6.20 -8.10
N LYS A 317 16.74 -6.94 -7.86
CA LYS A 317 18.02 -6.58 -8.46
C LYS A 317 18.17 -7.05 -9.90
N LEU A 318 17.36 -8.04 -10.29
CA LEU A 318 17.53 -8.71 -11.58
C LEU A 318 16.42 -8.46 -12.62
N ASP A 319 15.30 -7.89 -12.16
CA ASP A 319 14.02 -7.87 -12.89
C ASP A 319 13.40 -9.26 -12.83
N ILE A 320 12.07 -9.31 -12.82
CA ILE A 320 11.34 -10.59 -12.91
C ILE A 320 11.88 -11.50 -14.02
N GLU A 321 12.27 -10.93 -15.16
CA GLU A 321 12.85 -11.76 -16.25
C GLU A 321 14.14 -12.47 -15.85
N GLY A 322 14.85 -11.92 -14.87
CA GLY A 322 15.97 -12.66 -14.26
C GLY A 322 15.51 -13.55 -13.13
N ALA A 323 14.79 -12.95 -12.18
CA ALA A 323 14.39 -13.63 -10.94
C ALA A 323 13.52 -14.87 -11.13
N ILE A 324 12.71 -14.88 -12.19
CA ILE A 324 11.82 -16.02 -12.55
C ILE A 324 12.58 -17.35 -12.72
N HIS A 325 13.84 -17.26 -13.18
CA HIS A 325 14.66 -18.47 -13.40
C HIS A 325 15.04 -19.07 -12.08
N CYS A 326 15.49 -18.23 -11.15
CA CYS A 326 15.80 -18.65 -9.79
C CYS A 326 14.60 -19.32 -9.11
N TYR A 327 13.39 -18.82 -9.41
CA TYR A 327 12.14 -19.36 -8.84
C TYR A 327 11.99 -20.85 -9.17
N TYR A 328 12.14 -21.18 -10.45
CA TYR A 328 12.00 -22.55 -10.91
C TYR A 328 13.06 -23.49 -10.35
N ASP A 329 14.14 -22.92 -9.84
CA ASP A 329 15.17 -23.70 -9.16
C ASP A 329 14.85 -23.94 -7.69
N ILE A 330 13.98 -23.12 -7.12
CA ILE A 330 13.59 -23.29 -5.73
C ILE A 330 12.46 -24.32 -5.59
N ILE A 331 11.51 -24.28 -6.52
CA ILE A 331 10.39 -25.23 -6.52
C ILE A 331 10.77 -26.52 -7.26
N ASN A 332 12.04 -26.60 -7.70
CA ASN A 332 12.61 -27.77 -8.39
C ASN A 332 11.78 -28.31 -9.56
N GLN A 333 11.67 -27.50 -10.61
CA GLN A 333 10.89 -27.86 -11.80
C GLN A 333 11.66 -27.34 -13.02
N PRO A 334 11.58 -28.05 -14.16
CA PRO A 334 12.15 -27.55 -15.42
C PRO A 334 11.67 -26.14 -15.76
N CYS A 335 12.54 -25.32 -16.33
CA CYS A 335 12.24 -23.92 -16.57
C CYS A 335 11.54 -23.66 -17.91
N PRO A 336 10.25 -23.26 -17.87
CA PRO A 336 9.48 -23.06 -19.09
C PRO A 336 9.85 -21.76 -19.81
N ILE A 337 10.75 -20.98 -19.22
CA ILE A 337 11.18 -19.70 -19.79
C ILE A 337 12.35 -19.94 -20.73
N CYS A 338 13.30 -20.76 -20.28
CA CYS A 338 14.48 -21.12 -21.07
C CYS A 338 14.16 -21.97 -22.30
N GLU A 347 19.25 -18.09 -20.32
CA GLU A 347 19.86 -17.70 -19.06
C GLU A 347 20.47 -18.87 -18.32
N LEU A 348 21.52 -19.43 -18.90
CA LEU A 348 22.18 -20.61 -18.35
C LEU A 348 22.86 -20.37 -17.00
N SER A 349 23.42 -19.18 -16.81
CA SER A 349 24.22 -18.91 -15.62
C SER A 349 23.42 -18.77 -14.32
N LEU A 350 22.20 -18.23 -14.42
CA LEU A 350 21.31 -18.16 -13.25
C LEU A 350 20.94 -19.55 -12.71
N HIS A 351 20.90 -20.54 -13.57
CA HIS A 351 20.63 -21.92 -13.14
C HIS A 351 21.84 -22.64 -12.59
N ALA A 352 23.02 -22.04 -12.75
CA ALA A 352 24.27 -22.61 -12.23
C ALA A 352 24.55 -22.23 -10.76
N LEU A 353 23.94 -21.15 -10.29
CA LEU A 353 24.10 -20.65 -8.93
C LEU A 353 23.82 -21.70 -7.85
N PRO A 354 24.52 -21.62 -6.70
CA PRO A 354 24.20 -22.46 -5.55
C PRO A 354 22.83 -22.08 -4.98
N LEU A 355 22.15 -23.06 -4.39
CA LEU A 355 20.76 -22.90 -3.95
C LEU A 355 20.57 -21.71 -3.01
N ASP A 356 21.55 -21.50 -2.14
CA ASP A 356 21.56 -20.41 -1.16
C ASP A 356 21.30 -19.07 -1.86
N GLU A 357 22.06 -18.82 -2.93
CA GLU A 357 22.01 -17.55 -3.67
C GLU A 357 20.69 -17.35 -4.43
N SER A 358 20.11 -18.44 -4.92
CA SER A 358 18.82 -18.37 -5.58
C SER A 358 17.72 -17.98 -4.58
N LEU A 359 17.70 -18.66 -3.43
CA LEU A 359 16.73 -18.38 -2.37
C LEU A 359 16.76 -16.90 -2.00
N LYS A 360 17.97 -16.35 -1.82
CA LYS A 360 18.16 -14.94 -1.47
C LYS A 360 17.60 -13.97 -2.51
N ILE A 361 17.78 -14.29 -3.79
CA ILE A 361 17.29 -13.47 -4.90
C ILE A 361 15.76 -13.38 -4.93
N VAL A 362 15.11 -14.52 -4.80
CA VAL A 362 13.65 -14.56 -4.85
C VAL A 362 13.13 -13.88 -3.57
N LYS A 363 13.74 -14.23 -2.45
CA LYS A 363 13.45 -13.60 -1.16
C LYS A 363 13.43 -12.08 -1.36
N GLU A 364 14.54 -11.53 -1.88
CA GLU A 364 14.68 -10.09 -2.11
C GLU A 364 13.65 -9.53 -3.12
N TYR A 365 13.39 -10.27 -4.19
CA TYR A 365 12.32 -9.87 -5.13
C TYR A 365 10.98 -9.75 -4.41
N LEU A 366 10.66 -10.71 -3.54
CA LEU A 366 9.38 -10.74 -2.87
C LEU A 366 9.23 -9.58 -1.89
N ILE A 367 10.33 -9.24 -1.20
CA ILE A 367 10.37 -8.07 -0.33
C ILE A 367 10.24 -6.80 -1.16
N ALA A 368 10.89 -6.78 -2.31
CA ALA A 368 10.73 -5.68 -3.28
C ALA A 368 9.27 -5.53 -3.66
N ALA A 369 8.61 -6.65 -3.91
CA ALA A 369 7.18 -6.67 -4.29
C ALA A 369 6.27 -6.06 -3.21
N THR A 370 6.63 -6.26 -1.94
CA THR A 370 5.91 -5.59 -0.86
C THR A 370 6.03 -4.09 -1.03
N ALA A 371 7.26 -3.61 -1.24
CA ALA A 371 7.54 -2.19 -1.30
C ALA A 371 6.91 -1.53 -2.52
N LYS A 372 6.91 -2.27 -3.63
CA LYS A 372 6.26 -1.83 -4.86
C LYS A 372 4.75 -1.67 -4.67
N ASP A 373 4.14 -2.49 -3.83
CA ASP A 373 2.70 -2.53 -3.75
C ASP A 373 2.11 -1.89 -2.48
N CYS A 374 2.95 -1.25 -1.69
CA CYS A 374 2.48 -0.65 -0.44
C CYS A 374 1.89 0.74 -0.68
N SER A 375 1.37 1.35 0.37
CA SER A 375 0.89 2.71 0.26
C SER A 375 1.52 3.55 1.35
N ILE A 376 1.33 4.85 1.20
CA ILE A 376 1.93 5.87 2.02
C ILE A 376 0.76 6.66 2.58
N MET A 377 0.69 6.78 3.90
CA MET A 377 -0.38 7.53 4.54
C MET A 377 0.21 8.75 5.22
N ILE A 378 -0.15 9.93 4.75
CA ILE A 378 0.37 11.15 5.34
C ILE A 378 -0.75 11.86 6.09
N SER A 379 -0.57 12.01 7.39
CA SER A 379 -1.57 12.61 8.28
C SER A 379 -1.18 14.03 8.65
N PHE A 380 -2.10 14.97 8.54
CA PHE A 380 -1.81 16.38 8.91
C PHE A 380 -2.77 16.90 9.96
N GLN A 381 -2.28 17.82 10.79
CA GLN A 381 -3.16 18.73 11.51
C GLN A 381 -2.50 20.10 11.53
N SER A 382 -3.35 21.12 11.44
CA SER A 382 -2.89 22.51 11.45
C SER A 382 -2.59 22.96 12.87
N ARG A 383 -1.49 23.67 13.02
CA ARG A 383 -1.22 24.46 14.22
C ARG A 383 -1.96 25.77 14.08
N ASN A 384 -2.52 26.24 15.19
CA ASN A 384 -2.99 27.62 15.25
C ASN A 384 -1.86 28.46 15.85
N ALA A 385 -1.89 29.77 15.58
CA ALA A 385 -0.83 30.72 15.99
C ALA A 385 -0.25 30.53 17.41
N TRP A 386 -1.06 29.99 18.32
CA TRP A 386 -0.59 29.66 19.67
C TRP A 386 -0.20 28.21 19.77
N ASP A 393 8.18 17.23 13.36
CA ASP A 393 7.90 17.18 11.90
C ASP A 393 6.71 18.04 11.53
N TYR A 394 6.97 19.02 10.67
CA TYR A 394 5.98 20.02 10.30
C TYR A 394 6.33 20.67 8.96
N VAL A 395 5.35 21.39 8.40
CA VAL A 395 5.56 22.10 7.15
C VAL A 395 4.98 23.49 7.32
N SER A 396 5.51 24.46 6.59
CA SER A 396 4.97 25.81 6.55
C SER A 396 4.56 26.24 5.13
N LEU A 397 3.50 27.05 5.07
CA LEU A 397 3.04 27.67 3.83
C LEU A 397 3.31 29.18 3.89
N LYS A 398 4.14 29.67 2.97
CA LYS A 398 4.62 31.06 3.00
C LYS A 398 3.53 32.13 2.79
N PRO A 399 2.57 31.90 1.85
CA PRO A 399 1.52 32.92 1.70
C PRO A 399 0.49 32.87 2.83
N THR A 400 0.30 31.69 3.41
CA THR A 400 -0.69 31.45 4.44
C THR A 400 -0.20 31.87 5.83
N ASN A 401 1.08 31.64 6.09
CA ASN A 401 1.70 31.77 7.43
C ASN A 401 1.27 30.65 8.39
N GLN A 402 0.89 29.50 7.84
CA GLN A 402 0.37 28.38 8.60
C GLN A 402 1.41 27.30 8.86
N THR A 403 1.14 26.45 9.85
CA THR A 403 2.03 25.35 10.19
C THR A 403 1.21 24.08 10.42
N PHE A 404 1.78 22.96 9.98
CA PHE A 404 1.07 21.68 10.01
C PHE A 404 1.98 20.61 10.58
N ASP A 405 1.53 19.95 11.65
CA ASP A 405 2.15 18.69 12.07
C ASP A 405 1.83 17.64 11.01
N TYR A 406 2.77 16.73 10.77
CA TYR A 406 2.49 15.57 9.93
C TYR A 406 3.16 14.31 10.46
N LYS A 407 2.54 13.17 10.18
CA LYS A 407 3.14 11.86 10.38
C LYS A 407 3.02 11.09 9.07
N VAL A 408 3.96 10.19 8.83
CA VAL A 408 3.96 9.39 7.63
C VAL A 408 4.12 7.93 8.02
N HIS A 409 3.27 7.06 7.49
CA HIS A 409 3.38 5.62 7.69
C HIS A 409 3.26 4.89 6.38
N PHE A 410 3.96 3.77 6.27
CA PHE A 410 3.77 2.81 5.20
C PHE A 410 2.70 1.85 5.68
N ILE A 411 1.70 1.63 4.85
CA ILE A 411 0.63 0.70 5.17
C ILE A 411 0.54 -0.30 4.05
N ASP A 412 -0.23 -1.36 4.25
CA ASP A 412 -0.52 -2.33 3.19
C ASP A 412 0.74 -3.08 2.84
N LEU A 413 1.42 -3.59 3.86
CA LEU A 413 2.70 -4.25 3.68
C LEU A 413 2.51 -5.74 3.69
N SER A 414 2.02 -6.29 2.58
CA SER A 414 1.67 -7.71 2.49
C SER A 414 2.91 -8.58 2.26
N LEU A 415 2.93 -9.75 2.90
CA LEU A 415 3.85 -10.80 2.51
C LEU A 415 3.34 -11.41 1.22
N LYS A 416 4.20 -11.49 0.22
CA LYS A 416 3.81 -12.05 -1.07
C LYS A 416 4.15 -13.53 -1.09
N PRO A 417 3.14 -14.39 -1.40
CA PRO A 417 3.40 -15.82 -1.51
C PRO A 417 4.32 -16.12 -2.68
N LEU A 418 5.24 -17.07 -2.46
CA LEU A 418 6.23 -17.51 -3.43
C LEU A 418 5.64 -17.79 -4.80
N LYS A 419 4.52 -18.50 -4.80
CA LYS A 419 3.82 -18.89 -6.03
C LYS A 419 3.48 -17.70 -6.91
N ARG A 420 3.39 -16.52 -6.32
CA ARG A 420 2.94 -15.35 -7.06
C ARG A 420 3.96 -14.93 -8.13
N MET A 421 5.18 -15.43 -8.01
CA MET A 421 6.23 -15.19 -9.00
C MET A 421 5.74 -15.46 -10.42
N GLU A 422 5.00 -16.54 -10.60
CA GLU A 422 4.46 -16.94 -11.90
C GLU A 422 3.54 -15.86 -12.47
N SER A 423 2.72 -15.27 -11.61
CA SER A 423 1.82 -14.21 -12.05
C SER A 423 2.54 -12.87 -12.16
N TYR A 424 3.60 -12.68 -11.39
CA TYR A 424 4.47 -11.53 -11.62
C TYR A 424 5.04 -11.63 -13.03
N TYR A 425 5.55 -12.81 -13.41
CA TYR A 425 6.09 -12.99 -14.75
C TYR A 425 5.04 -12.78 -15.85
N LYS A 426 3.87 -13.39 -15.70
CA LYS A 426 2.86 -13.40 -16.74
C LYS A 426 2.32 -12.00 -17.01
N LEU A 427 2.07 -11.26 -15.95
CA LEU A 427 1.63 -9.88 -16.04
C LEU A 427 2.70 -9.06 -16.74
N ASP A 428 3.96 -9.26 -16.34
CA ASP A 428 5.08 -8.52 -16.94
C ASP A 428 5.12 -8.76 -18.45
N LYS A 429 5.01 -10.03 -18.85
CA LYS A 429 5.01 -10.40 -20.26
C LYS A 429 3.81 -9.82 -21.02
N LYS A 430 2.66 -9.78 -20.38
CA LYS A 430 1.47 -9.19 -20.98
C LYS A 430 1.61 -7.66 -21.13
N ILE A 431 2.11 -6.99 -20.10
CA ILE A 431 2.34 -5.54 -20.12
C ILE A 431 3.22 -5.12 -21.32
N ILE A 432 4.41 -5.70 -21.42
CA ILE A 432 5.38 -5.31 -22.45
C ILE A 432 4.93 -5.68 -23.86
N SER A 433 4.44 -6.90 -24.06
CA SER A 433 3.97 -7.29 -25.39
C SER A 433 2.84 -6.37 -25.86
N PHE A 434 1.91 -6.03 -24.96
CA PHE A 434 0.85 -5.09 -25.32
C PHE A 434 1.39 -3.71 -25.68
N TYR A 435 2.28 -3.18 -24.84
CA TYR A 435 2.91 -1.90 -25.13
C TYR A 435 3.70 -1.95 -26.45
N ASN A 436 4.47 -3.02 -26.62
CA ASN A 436 5.18 -3.32 -27.88
C ASN A 436 4.22 -3.31 -29.08
N ARG A 437 3.13 -4.08 -28.96
CA ARG A 437 2.10 -4.17 -30.00
C ARG A 437 1.48 -2.80 -30.32
N LYS A 438 1.27 -1.99 -29.30
CA LYS A 438 0.67 -0.67 -29.48
C LYS A 438 1.67 0.40 -29.96
N GLN A 439 2.96 0.10 -29.89
CA GLN A 439 3.98 1.03 -30.40
C GLN A 439 4.21 0.76 -31.89
ZN ZN B . 15.35 -20.50 -16.74
S SO4 C . -14.88 -11.53 -0.32
O1 SO4 C . -13.48 -11.50 -0.19
O2 SO4 C . -15.28 -10.94 -1.54
O3 SO4 C . -15.30 -12.89 -0.32
O4 SO4 C . -15.34 -10.78 0.77
S SO4 D . -2.90 -1.68 -9.44
O1 SO4 D . -2.59 -1.20 -8.18
O2 SO4 D . -1.74 -1.96 -10.16
O3 SO4 D . -3.73 -2.76 -9.29
O4 SO4 D . -3.69 -0.76 -10.11
S SO4 E . -6.40 -6.98 3.51
O1 SO4 E . -6.13 -5.62 3.70
O2 SO4 E . -5.58 -7.78 4.33
O3 SO4 E . -7.74 -7.31 3.83
O4 SO4 E . -6.19 -7.32 2.16
S SO4 F . -1.22 14.44 13.12
O1 SO4 F . -0.56 14.78 14.41
O2 SO4 F . -0.45 13.39 12.42
O3 SO4 F . -1.24 15.65 12.27
O4 SO4 F . -2.62 13.99 13.40
C1 GOL G . -7.08 13.34 23.31
O1 GOL G . -6.52 12.55 22.24
C2 GOL G . -6.26 13.24 24.61
O2 GOL G . -7.06 13.73 25.71
C3 GOL G . -5.81 11.81 24.92
O3 GOL G . -6.34 11.36 26.17
#